data_5H1P
#
_entry.id   5H1P
#
_cell.length_a   90.625
_cell.length_b   90.625
_cell.length_c   50.064
_cell.angle_alpha   90.00
_cell.angle_beta   90.00
_cell.angle_gamma   120.00
#
_symmetry.space_group_name_H-M   'P 63'
#
loop_
_entity.id
_entity.type
_entity.pdbx_description
1 polymer 'CRISPR-associated endoribonuclease Cas2'
2 non-polymer 'ACETATE ION'
3 water water
#
_entity_poly.entity_id   1
_entity_poly.type   'polypeptide(L)'
_entity_poly.pdbx_seq_one_letter_code
;MMVLVSYDVSTSSPGGDKRLRKVAKACRDLGQRVQFSVFEIEVDPAQWTALRQRLCDLIDPDIDSLRFYHLGAKWEARVE
HVGAKPSLDLKGPLIFLEHHHHHH
;
_entity_poly.pdbx_strand_id   A,B
#
loop_
_chem_comp.id
_chem_comp.type
_chem_comp.name
_chem_comp.formula
ACT non-polymer 'ACETATE ION' 'C2 H3 O2 -1'
#
# COMPACT_ATOMS: atom_id res chain seq x y z
N MET A 1 -10.63 14.76 2.34
CA MET A 1 -10.85 13.30 2.22
C MET A 1 -9.44 12.70 2.27
N MET A 2 -9.31 11.42 2.62
CA MET A 2 -8.00 10.78 2.54
C MET A 2 -7.96 9.81 1.36
N VAL A 3 -6.89 9.91 0.56
CA VAL A 3 -6.62 8.95 -0.50
C VAL A 3 -5.31 8.28 -0.14
N LEU A 4 -5.32 6.97 -0.12
CA LEU A 4 -4.12 6.21 0.06
C LEU A 4 -3.56 5.85 -1.32
N VAL A 5 -2.28 6.18 -1.55
CA VAL A 5 -1.60 5.93 -2.80
C VAL A 5 -0.49 4.88 -2.59
N SER A 6 -0.63 3.74 -3.27
CA SER A 6 0.37 2.70 -3.21
C SER A 6 1.03 2.60 -4.58
N TYR A 7 2.35 2.79 -4.61
CA TYR A 7 3.13 2.78 -5.83
C TYR A 7 3.99 1.53 -5.86
N ASP A 8 3.76 0.68 -6.86
CA ASP A 8 4.54 -0.55 -7.04
C ASP A 8 5.50 -0.27 -8.18
N VAL A 9 6.73 0.03 -7.83
CA VAL A 9 7.65 0.48 -8.85
C VAL A 9 8.61 -0.62 -9.23
N SER A 10 8.83 -0.72 -10.54
CA SER A 10 9.66 -1.78 -11.08
C SER A 10 11.08 -1.74 -10.50
N THR A 11 11.63 -2.91 -10.23
CA THR A 11 13.01 -2.96 -9.75
C THR A 11 13.90 -3.66 -10.78
N SER A 12 13.29 -4.27 -11.78
CA SER A 12 14.03 -5.01 -12.78
C SER A 12 14.26 -4.18 -14.06
N SER A 13 13.72 -2.96 -14.07
CA SER A 13 13.98 -1.97 -15.12
C SER A 13 14.60 -0.69 -14.52
N PRO A 14 15.40 0.03 -15.32
CA PRO A 14 16.10 1.29 -15.00
C PRO A 14 15.20 2.48 -14.65
N GLY A 15 15.70 3.34 -13.78
CA GLY A 15 15.02 4.59 -13.44
C GLY A 15 13.91 4.53 -12.40
N GLY A 16 13.67 3.36 -11.82
CA GLY A 16 12.60 3.23 -10.85
C GLY A 16 12.84 4.15 -9.67
N ASP A 17 14.11 4.27 -9.28
CA ASP A 17 14.51 5.17 -8.19
C ASP A 17 14.08 6.62 -8.44
N LYS A 18 14.33 7.10 -9.66
CA LYS A 18 14.00 8.46 -10.03
C LYS A 18 12.51 8.68 -10.07
N ARG A 19 11.78 7.71 -10.63
CA ARG A 19 10.33 7.81 -10.68
C ARG A 19 9.70 7.86 -9.29
N LEU A 20 10.18 7.00 -8.38
CA LEU A 20 9.67 7.03 -7.01
C LEU A 20 10.01 8.37 -6.36
N ARG A 21 11.21 8.90 -6.62
CA ARG A 21 11.61 10.20 -6.08
C ARG A 21 10.62 11.27 -6.53
N LYS A 22 10.26 11.22 -7.81
CA LYS A 22 9.35 12.24 -8.35
C LYS A 22 7.92 12.11 -7.85
N VAL A 23 7.44 10.86 -7.71
CA VAL A 23 6.14 10.61 -7.11
C VAL A 23 6.10 11.13 -5.66
N ALA A 24 7.16 10.85 -4.91
CA ALA A 24 7.23 11.27 -3.52
C ALA A 24 7.22 12.81 -3.42
N LYS A 25 7.98 13.46 -4.32
CA LYS A 25 8.03 14.92 -4.35
C LYS A 25 6.65 15.50 -4.70
N ALA A 26 5.93 14.88 -5.64
CA ALA A 26 4.58 15.34 -6.01
C ALA A 26 3.61 15.22 -4.83
N CYS A 27 3.82 14.20 -3.97
CA CYS A 27 2.95 14.00 -2.79
C CYS A 27 3.34 14.80 -1.56
N ARG A 28 4.50 15.43 -1.60
CA ARG A 28 5.11 15.96 -0.39
C ARG A 28 4.25 17.00 0.35
N ASP A 29 3.59 17.88 -0.37
CA ASP A 29 2.89 18.96 0.34
C ASP A 29 1.44 18.67 0.71
N LEU A 30 0.91 17.53 0.27
CA LEU A 30 -0.49 17.19 0.46
C LEU A 30 -0.62 15.93 1.27
N GLY A 31 0.50 15.38 1.71
CA GLY A 31 0.37 14.09 2.36
C GLY A 31 1.59 13.66 3.11
N GLN A 32 1.53 12.42 3.61
CA GLN A 32 2.61 11.85 4.36
C GLN A 32 3.06 10.55 3.71
N ARG A 33 4.37 10.37 3.61
CA ARG A 33 4.95 9.14 3.09
C ARG A 33 5.03 8.18 4.27
N VAL A 34 4.12 7.23 4.34
CA VAL A 34 3.99 6.43 5.56
C VAL A 34 4.77 5.12 5.45
N GLN A 35 5.04 4.71 4.22
CA GLN A 35 6.00 3.61 3.99
C GLN A 35 6.83 3.94 2.76
N PHE A 36 7.82 3.10 2.44
CA PHE A 36 8.74 3.45 1.31
C PHE A 36 7.98 3.91 0.07
N SER A 37 6.90 3.22 -0.25
CA SER A 37 6.19 3.57 -1.49
C SER A 37 4.71 3.76 -1.25
N VAL A 38 4.34 4.18 -0.04
CA VAL A 38 2.93 4.37 0.26
C VAL A 38 2.73 5.72 0.90
N PHE A 39 1.69 6.42 0.41
CA PHE A 39 1.46 7.85 0.77
C PHE A 39 0.02 8.01 1.22
N GLU A 40 -0.17 8.71 2.35
CA GLU A 40 -1.50 9.08 2.79
C GLU A 40 -1.73 10.53 2.39
N ILE A 41 -2.67 10.76 1.47
CA ILE A 41 -2.88 12.13 0.91
C ILE A 41 -4.14 12.72 1.53
N GLU A 42 -4.07 13.95 2.06
CA GLU A 42 -5.26 14.59 2.64
C GLU A 42 -5.60 15.70 1.66
N VAL A 43 -6.72 15.56 0.96
CA VAL A 43 -7.05 16.42 -0.18
C VAL A 43 -8.54 16.68 -0.32
N ASP A 44 -8.90 17.82 -0.89
CA ASP A 44 -10.27 18.01 -1.34
C ASP A 44 -10.35 17.45 -2.78
N PRO A 45 -11.56 17.34 -3.34
CA PRO A 45 -11.66 16.63 -4.63
C PRO A 45 -10.86 17.27 -5.77
N ALA A 46 -10.79 18.60 -5.85
CA ALA A 46 -10.02 19.26 -6.93
C ALA A 46 -8.52 19.02 -6.78
N GLN A 47 -8.04 19.11 -5.54
CA GLN A 47 -6.63 18.79 -5.27
C GLN A 47 -6.34 17.34 -5.63
N TRP A 48 -7.29 16.43 -5.34
CA TRP A 48 -7.05 15.04 -5.72
C TRP A 48 -6.97 14.90 -7.26
N THR A 49 -7.90 15.53 -7.95
CA THR A 49 -7.88 15.42 -9.42
C THR A 49 -6.53 15.86 -9.98
N ALA A 50 -6.04 16.98 -9.45
CA ALA A 50 -4.76 17.53 -9.93
C ALA A 50 -3.61 16.55 -9.66
N LEU A 51 -3.54 16.11 -8.40
CA LEU A 51 -2.42 15.22 -7.98
C LEU A 51 -2.49 13.90 -8.74
N ARG A 52 -3.67 13.33 -8.88
CA ARG A 52 -3.83 12.07 -9.59
C ARG A 52 -3.27 12.12 -11.02
N GLN A 53 -3.59 13.20 -11.72
CA GLN A 53 -3.06 13.36 -13.09
C GLN A 53 -1.53 13.34 -13.09
N ARG A 54 -0.93 14.07 -12.13
CA ARG A 54 0.56 14.07 -12.06
C ARG A 54 1.13 12.69 -11.78
N LEU A 55 0.55 11.99 -10.82
CA LEU A 55 1.03 10.65 -10.52
C LEU A 55 0.93 9.70 -11.72
N CYS A 56 -0.19 9.73 -12.45
CA CYS A 56 -0.37 8.89 -13.61
C CYS A 56 0.70 9.19 -14.63
N ASP A 57 0.99 10.49 -14.77
CA ASP A 57 1.96 10.97 -15.78
C ASP A 57 3.43 10.62 -15.42
N LEU A 58 3.71 10.56 -14.14
CA LEU A 58 5.10 10.33 -13.65
C LEU A 58 5.55 8.88 -13.71
N ILE A 59 4.62 7.95 -13.61
CA ILE A 59 5.01 6.51 -13.60
C ILE A 59 5.18 5.96 -15.00
N ASP A 60 5.74 4.76 -15.12
CA ASP A 60 5.75 4.04 -16.40
C ASP A 60 4.72 2.95 -16.31
N PRO A 61 3.55 3.15 -16.93
CA PRO A 61 2.45 2.23 -16.66
C PRO A 61 2.69 0.87 -17.27
N ASP A 62 3.68 0.72 -18.14
CA ASP A 62 3.99 -0.60 -18.68
C ASP A 62 4.65 -1.45 -17.60
N ILE A 63 5.33 -0.83 -16.63
CA ILE A 63 6.10 -1.69 -15.70
C ILE A 63 5.81 -1.35 -14.22
N ASP A 64 5.20 -0.19 -13.96
CA ASP A 64 4.78 0.25 -12.62
C ASP A 64 3.27 0.12 -12.45
N SER A 65 2.79 0.15 -11.20
CA SER A 65 1.35 0.38 -10.99
C SER A 65 1.13 1.35 -9.84
N LEU A 66 -0.03 2.02 -9.90
CA LEU A 66 -0.53 2.81 -8.78
C LEU A 66 -1.85 2.21 -8.39
N ARG A 67 -2.10 2.13 -7.08
CA ARG A 67 -3.46 1.90 -6.62
C ARG A 67 -3.85 3.05 -5.73
N PHE A 68 -5.06 3.57 -5.95
CA PHE A 68 -5.57 4.66 -5.19
C PHE A 68 -6.77 4.17 -4.40
N TYR A 69 -6.76 4.35 -3.08
CA TYR A 69 -7.92 3.95 -2.27
C TYR A 69 -8.52 5.19 -1.61
N HIS A 70 -9.80 5.47 -1.87
CA HIS A 70 -10.46 6.61 -1.24
C HIS A 70 -11.01 6.11 0.08
N LEU A 71 -10.42 6.63 1.17
CA LEU A 71 -10.64 6.13 2.54
C LEU A 71 -11.77 6.84 3.25
N GLY A 72 -12.24 7.99 2.74
CA GLY A 72 -13.36 8.72 3.35
C GLY A 72 -13.01 9.82 4.38
N ALA A 73 -12.31 9.43 5.43
CA ALA A 73 -11.68 10.29 6.45
C ALA A 73 -10.75 9.28 7.06
N LYS A 74 -9.54 9.65 7.47
CA LYS A 74 -8.58 8.63 7.93
C LYS A 74 -9.10 7.81 9.12
N TRP A 75 -9.82 8.47 10.04
CA TRP A 75 -10.25 7.72 11.23
C TRP A 75 -11.10 6.52 10.87
N GLU A 76 -11.80 6.56 9.72
CA GLU A 76 -12.70 5.44 9.34
C GLU A 76 -11.97 4.16 9.00
N ALA A 77 -10.69 4.30 8.66
CA ALA A 77 -9.87 3.14 8.27
C ALA A 77 -9.20 2.47 9.46
N ARG A 78 -9.30 3.09 10.66
CA ARG A 78 -8.75 2.45 11.86
C ARG A 78 -7.35 1.89 11.62
N VAL A 79 -6.48 2.75 11.13
CA VAL A 79 -5.16 2.30 10.63
C VAL A 79 -4.27 1.80 11.75
N GLU A 80 -3.59 0.67 11.50
CA GLU A 80 -2.60 0.14 12.45
C GLU A 80 -1.22 0.06 11.74
N HIS A 81 -0.16 0.44 12.44
CA HIS A 81 1.24 0.28 12.00
C HIS A 81 1.96 -0.70 12.89
N VAL A 82 2.59 -1.69 12.31
CA VAL A 82 3.44 -2.61 13.04
C VAL A 82 4.88 -2.52 12.52
N GLY A 83 5.85 -2.40 13.42
CA GLY A 83 7.23 -2.47 12.99
C GLY A 83 7.88 -1.10 12.83
N ALA A 84 8.92 -1.07 12.00
CA ALA A 84 9.81 0.06 11.87
C ALA A 84 9.17 1.33 11.34
N LYS A 85 9.75 2.44 11.78
CA LYS A 85 9.35 3.78 11.35
C LYS A 85 10.57 4.57 10.91
N PRO A 86 11.15 4.20 9.75
CA PRO A 86 12.32 4.92 9.22
C PRO A 86 12.01 6.36 8.85
N MET B 1 -14.80 -8.89 6.53
CA MET B 1 -14.34 -7.47 6.38
C MET B 1 -13.11 -7.39 5.55
N MET B 2 -12.94 -6.22 4.91
CA MET B 2 -11.78 -6.02 4.02
C MET B 2 -10.71 -5.26 4.77
N VAL B 3 -9.56 -5.88 4.87
CA VAL B 3 -8.36 -5.25 5.45
C VAL B 3 -7.27 -5.18 4.37
N LEU B 4 -6.83 -3.97 4.08
CA LEU B 4 -5.73 -3.76 3.13
C LEU B 4 -4.45 -3.89 3.94
N VAL B 5 -3.55 -4.75 3.49
CA VAL B 5 -2.28 -5.01 4.19
C VAL B 5 -1.15 -4.55 3.26
N SER B 6 -0.41 -3.56 3.71
CA SER B 6 0.75 -3.05 2.97
C SER B 6 2.04 -3.46 3.72
N TYR B 7 2.92 -4.19 3.05
CA TYR B 7 4.13 -4.67 3.67
C TYR B 7 5.31 -3.95 3.07
N ASP B 8 6.03 -3.21 3.91
CA ASP B 8 7.21 -2.51 3.48
C ASP B 8 8.43 -3.32 3.92
N VAL B 9 8.97 -4.10 2.99
CA VAL B 9 10.05 -4.99 3.39
C VAL B 9 11.38 -4.50 2.91
N SER B 10 12.35 -4.58 3.83
CA SER B 10 13.67 -4.06 3.64
C SER B 10 14.39 -4.67 2.44
N THR B 11 15.12 -3.81 1.74
CA THR B 11 15.96 -4.23 0.63
C THR B 11 17.41 -3.96 0.98
N PRO B 14 18.06 -7.91 3.44
CA PRO B 14 18.59 -9.28 3.33
C PRO B 14 17.58 -10.28 3.91
N GLY B 15 17.33 -11.40 3.24
CA GLY B 15 16.36 -12.37 3.74
C GLY B 15 14.95 -11.81 3.53
N GLY B 16 14.91 -10.61 2.98
CA GLY B 16 13.66 -9.89 2.75
C GLY B 16 12.79 -10.58 1.73
N ASP B 17 13.42 -11.13 0.69
CA ASP B 17 12.68 -11.87 -0.33
C ASP B 17 11.92 -13.04 0.29
N LYS B 18 12.60 -13.76 1.19
CA LYS B 18 12.03 -14.91 1.86
C LYS B 18 10.84 -14.46 2.74
N ARG B 19 11.02 -13.35 3.45
CA ARG B 19 9.96 -12.85 4.32
C ARG B 19 8.73 -12.42 3.51
N LEU B 20 8.92 -11.74 2.38
CA LEU B 20 7.80 -11.38 1.52
C LEU B 20 7.10 -12.64 1.00
N ARG B 21 7.88 -13.65 0.59
CA ARG B 21 7.26 -14.89 0.14
C ARG B 21 6.41 -15.54 1.24
N LYS B 22 6.90 -15.52 2.48
CA LYS B 22 6.16 -16.17 3.57
C LYS B 22 4.88 -15.41 3.92
N VAL B 23 4.97 -14.08 3.89
CA VAL B 23 3.80 -13.22 4.08
C VAL B 23 2.79 -13.48 2.98
N ALA B 24 3.25 -13.54 1.73
CA ALA B 24 2.27 -13.81 0.64
C ALA B 24 1.60 -15.18 0.81
N LYS B 25 2.38 -16.18 1.23
CA LYS B 25 1.83 -17.50 1.39
C LYS B 25 0.80 -17.49 2.51
N ALA B 26 1.09 -16.78 3.59
CA ALA B 26 0.13 -16.76 4.72
C ALA B 26 -1.19 -16.08 4.30
N CYS B 27 -1.11 -15.15 3.36
CA CYS B 27 -2.32 -14.43 2.90
C CYS B 27 -3.05 -15.13 1.77
N ARG B 28 -2.46 -16.18 1.22
CA ARG B 28 -2.91 -16.69 -0.06
C ARG B 28 -4.38 -17.10 -0.13
N ASP B 29 -4.89 -17.71 0.95
CA ASP B 29 -6.26 -18.25 0.90
C ASP B 29 -7.29 -17.22 1.32
N LEU B 30 -6.81 -16.10 1.84
CA LEU B 30 -7.74 -15.15 2.47
C LEU B 30 -7.79 -13.84 1.71
N GLY B 31 -7.15 -13.78 0.55
CA GLY B 31 -7.11 -12.49 -0.10
C GLY B 31 -6.48 -12.51 -1.48
N GLN B 32 -6.27 -11.31 -2.01
CA GLN B 32 -5.66 -11.15 -3.29
C GLN B 32 -4.40 -10.29 -3.17
N ARG B 33 -3.32 -10.74 -3.80
CA ARG B 33 -2.10 -9.95 -3.85
C ARG B 33 -2.19 -8.99 -5.03
N VAL B 34 -2.50 -7.74 -4.75
CA VAL B 34 -2.86 -6.81 -5.82
C VAL B 34 -1.69 -5.97 -6.29
N GLN B 35 -0.65 -5.87 -5.45
CA GLN B 35 0.63 -5.35 -5.93
C GLN B 35 1.73 -6.18 -5.26
N PHE B 36 2.98 -5.94 -5.62
CA PHE B 36 4.08 -6.77 -5.10
C PHE B 36 4.00 -7.03 -3.61
N SER B 37 3.64 -5.99 -2.84
CA SER B 37 3.70 -6.15 -1.39
C SER B 37 2.41 -5.60 -0.77
N VAL B 38 1.31 -5.63 -1.55
CA VAL B 38 0.03 -5.17 -1.03
C VAL B 38 -1.05 -6.22 -1.30
N PHE B 39 -1.85 -6.44 -0.26
CA PHE B 39 -2.82 -7.56 -0.21
C PHE B 39 -4.19 -7.04 0.21
N GLU B 40 -5.23 -7.43 -0.53
CA GLU B 40 -6.60 -7.08 -0.11
C GLU B 40 -7.13 -8.36 0.56
N ILE B 41 -7.28 -8.28 1.88
CA ILE B 41 -7.57 -9.45 2.71
C ILE B 41 -9.02 -9.44 3.16
N GLU B 42 -9.75 -10.51 2.84
CA GLU B 42 -11.15 -10.60 3.26
C GLU B 42 -11.23 -11.65 4.36
N VAL B 43 -11.50 -11.16 5.58
CA VAL B 43 -11.43 -11.98 6.81
C VAL B 43 -12.52 -11.60 7.76
N ASP B 44 -13.03 -12.59 8.51
CA ASP B 44 -13.93 -12.23 9.58
C ASP B 44 -13.05 -11.87 10.80
N PRO B 45 -13.65 -11.35 11.88
CA PRO B 45 -12.75 -10.87 12.96
C PRO B 45 -11.86 -11.94 13.59
N ALA B 46 -12.38 -13.17 13.71
CA ALA B 46 -11.62 -14.23 14.30
C ALA B 46 -10.44 -14.60 13.36
N GLN B 47 -10.75 -14.67 12.07
CA GLN B 47 -9.70 -14.97 11.08
C GLN B 47 -8.65 -13.88 11.04
N TRP B 48 -9.11 -12.63 11.17
CA TRP B 48 -8.14 -11.50 11.17
C TRP B 48 -7.24 -11.62 12.40
N THR B 49 -7.79 -11.92 13.56
CA THR B 49 -6.96 -12.07 14.77
C THR B 49 -5.83 -13.07 14.48
N ALA B 50 -6.24 -14.18 13.86
CA ALA B 50 -5.23 -15.22 13.57
C ALA B 50 -4.18 -14.77 12.55
N LEU B 51 -4.65 -14.20 11.44
CA LEU B 51 -3.71 -13.82 10.39
C LEU B 51 -2.79 -12.70 10.84
N ARG B 52 -3.37 -11.73 11.54
CA ARG B 52 -2.58 -10.60 12.02
C ARG B 52 -1.42 -11.09 12.90
N GLN B 53 -1.70 -12.05 13.79
CA GLN B 53 -0.62 -12.59 14.63
C GLN B 53 0.48 -13.21 13.77
N ARG B 54 0.04 -13.97 12.77
CA ARG B 54 1.03 -14.59 11.89
C ARG B 54 1.87 -13.53 11.18
N LEU B 55 1.24 -12.50 10.64
CA LEU B 55 1.99 -11.44 9.99
C LEU B 55 2.97 -10.78 10.92
N CYS B 56 2.56 -10.50 12.15
CA CYS B 56 3.49 -9.91 13.13
C CYS B 56 4.71 -10.81 13.35
N ASP B 57 4.46 -12.12 13.40
CA ASP B 57 5.57 -13.08 13.66
C ASP B 57 6.49 -13.27 12.43
N LEU B 58 5.94 -13.10 11.24
CA LEU B 58 6.70 -13.38 10.02
C LEU B 58 7.64 -12.23 9.59
N ILE B 59 7.29 -10.99 9.95
CA ILE B 59 8.15 -9.87 9.53
C ILE B 59 9.33 -9.66 10.49
N ASP B 60 10.31 -8.85 10.10
CA ASP B 60 11.31 -8.40 11.03
C ASP B 60 10.95 -6.96 11.39
N PRO B 61 10.36 -6.74 12.57
CA PRO B 61 9.82 -5.42 12.96
C PRO B 61 10.93 -4.38 13.17
N ASP B 62 12.19 -4.80 13.19
CA ASP B 62 13.31 -3.86 13.33
C ASP B 62 13.54 -3.09 12.02
N ILE B 63 13.20 -3.71 10.90
CA ILE B 63 13.55 -3.17 9.58
C ILE B 63 12.39 -3.19 8.58
N ASP B 64 11.36 -4.00 8.85
CA ASP B 64 10.16 -4.04 8.02
C ASP B 64 9.00 -3.29 8.71
N SER B 65 7.99 -2.93 7.93
CA SER B 65 6.72 -2.52 8.56
C SER B 65 5.53 -3.06 7.84
N LEU B 66 4.43 -3.14 8.60
CA LEU B 66 3.11 -3.47 8.07
C LEU B 66 2.18 -2.32 8.37
N ARG B 67 1.31 -1.98 7.42
CA ARG B 67 0.19 -1.09 7.76
C ARG B 67 -1.09 -1.77 7.35
N PHE B 68 -2.07 -1.65 8.24
CA PHE B 68 -3.37 -2.28 8.04
C PHE B 68 -4.46 -1.23 7.95
N TYR B 69 -5.26 -1.27 6.88
CA TYR B 69 -6.39 -0.32 6.68
C TYR B 69 -7.70 -1.04 6.57
N HIS B 70 -8.70 -0.62 7.33
CA HIS B 70 -10.03 -1.17 7.18
C HIS B 70 -10.73 -0.40 6.05
N LEU B 71 -11.01 -1.03 4.92
CA LEU B 71 -11.53 -0.26 3.80
C LEU B 71 -13.05 -0.11 3.83
N GLY B 72 -13.74 -0.94 4.60
CA GLY B 72 -15.17 -0.75 4.72
C GLY B 72 -15.97 -1.37 3.61
N ALA B 73 -17.29 -1.29 3.75
CA ALA B 73 -18.18 -1.87 2.76
C ALA B 73 -18.13 -1.11 1.46
N LYS B 74 -18.35 -1.82 0.35
CA LYS B 74 -18.35 -1.26 -0.98
C LYS B 74 -17.03 -0.56 -1.29
N TRP B 75 -15.94 -1.11 -0.73
CA TRP B 75 -14.60 -0.62 -0.96
C TRP B 75 -14.25 -0.77 -2.45
N GLU B 76 -14.92 -1.70 -3.16
CA GLU B 76 -14.54 -1.90 -4.58
C GLU B 76 -14.82 -0.69 -5.45
N ALA B 77 -15.77 0.14 -5.02
CA ALA B 77 -16.13 1.34 -5.76
C ALA B 77 -15.19 2.50 -5.42
N ARG B 78 -14.28 2.25 -4.49
CA ARG B 78 -13.41 3.30 -4.02
C ARG B 78 -11.93 2.99 -4.26
N VAL B 79 -11.66 2.04 -5.17
CA VAL B 79 -10.27 1.73 -5.50
C VAL B 79 -10.07 1.91 -7.01
N GLU B 80 -8.95 2.55 -7.39
CA GLU B 80 -8.59 2.66 -8.80
C GLU B 80 -7.21 2.04 -9.00
N HIS B 81 -7.03 1.28 -10.08
CA HIS B 81 -5.73 0.75 -10.45
C HIS B 81 -5.26 1.43 -11.72
N VAL B 82 -4.01 1.89 -11.72
CA VAL B 82 -3.40 2.43 -12.93
C VAL B 82 -2.12 1.65 -13.24
N GLY B 83 -1.97 1.18 -14.46
CA GLY B 83 -0.74 0.55 -14.85
C GLY B 83 -0.78 -0.96 -14.86
N ALA B 84 0.40 -1.55 -14.77
CA ALA B 84 0.65 -2.97 -15.02
C ALA B 84 -0.10 -3.89 -14.05
N LYS B 85 -0.49 -5.07 -14.54
CA LYS B 85 -1.14 -6.01 -13.63
C LYS B 85 -0.56 -7.41 -13.72
C ACT C . 8.70 -5.39 -7.62
O ACT C . 7.96 -4.40 -7.49
OXT ACT C . 8.31 -6.26 -8.43
CH3 ACT C . 9.99 -5.53 -6.86
C ACT D . 9.49 -6.79 -11.65
O ACT D . 9.83 -5.59 -11.71
OXT ACT D . 8.73 -7.20 -12.58
CH3 ACT D . 9.95 -7.67 -10.53
C ACT E . 12.33 -0.36 1.29
O ACT E . 12.23 0.13 2.45
OXT ACT E . 11.42 -1.16 0.96
CH3 ACT E . 13.45 0.00 0.37
#